data_1Y26
#
_entry.id   1Y26
#
_cell.length_a   49.655
_cell.length_b   155.036
_cell.length_c   25.185
_cell.angle_alpha   90.00
_cell.angle_beta   90.00
_cell.angle_gamma   90.00
#
_symmetry.space_group_name_H-M   'P 21 21 2'
#
loop_
_entity.id
_entity.type
_entity.pdbx_description
1 polymer 'Vibrio vulnificus A-riboswitch'
2 non-polymer 'MAGNESIUM ION'
3 non-polymer ADENINE
4 water water
#
_entity_poly.entity_id   1
_entity_poly.type   'polyribonucleotide'
_entity_poly.pdbx_seq_one_letter_code
;CGCUUCAUAUAAUCCUAAUGAUAUGGUUUGGGAGUUUCUACCAAGAGCCUUAAACUCUUGAUUAUGAAGUG
;
_entity_poly.pdbx_strand_id   X
#
loop_
_chem_comp.id
_chem_comp.type
_chem_comp.name
_chem_comp.formula
A RNA linking ADENOSINE-5'-MONOPHOSPHATE 'C10 H14 N5 O7 P'
ADE non-polymer ADENINE 'C5 H5 N5'
C RNA linking CYTIDINE-5'-MONOPHOSPHATE 'C9 H14 N3 O8 P'
G RNA linking GUANOSINE-5'-MONOPHOSPHATE 'C10 H14 N5 O8 P'
MG non-polymer 'MAGNESIUM ION' 'Mg 2'
U RNA linking URIDINE-5'-MONOPHOSPHATE 'C9 H13 N2 O9 P'
#
# COMPACT_ATOMS: atom_id res chain seq x y z
MG MG B . -2.34 1.35 -9.31
MG MG C . 6.57 4.70 9.25
MG MG D . -5.57 6.24 -17.07
MG MG E . -4.01 10.95 -4.85
MG MG F . 5.53 -3.31 6.14
N9 ADE G . -0.05 -2.37 -0.51
C8 ADE G . 1.28 -2.68 -0.31
N7 ADE G . 1.68 -2.54 0.93
C5 ADE G . 0.54 -2.13 1.58
C6 ADE G . 0.29 -1.83 2.93
N6 ADE G . 1.25 -1.88 3.83
N1 ADE G . -0.94 -1.45 3.28
C2 ADE G . -1.90 -1.39 2.34
N3 ADE G . -1.80 -1.64 1.04
C4 ADE G . -0.54 -2.02 0.73
#